data_4AT2
#
_entry.id   4AT2
#
_cell.length_a   99.778
_cell.length_b   116.082
_cell.length_c   110.151
_cell.angle_alpha   90.00
_cell.angle_beta   90.00
_cell.angle_gamma   90.00
#
_symmetry.space_group_name_H-M   'C 2 2 21'
#
loop_
_entity.id
_entity.type
_entity.pdbx_description
1 polymer 3-KETOSTEROID-DELTA4-5ALPHA-DEHYDROGENASE
2 non-polymer 4-ANDROSTENE-3-17-DIONE
3 non-polymer 'CHLORIDE ION'
4 non-polymer 'FLAVIN-ADENINE DINUCLEOTIDE'
5 water water
#
_entity_poly.entity_id   1
_entity_poly.type   'polypeptide(L)'
_entity_poly.pdbx_seq_one_letter_code
;MGSSHHHHHHSSGLVPRGSHMVDATPIRPRSATTVTEWDYEADVVVAGYGIAGVAASIEAARAGADVLVLERTSGWGGAT
ALAGGFIYLGGGTPLQKACGFDDSPENMKTFMMAALGPGADEEKITDYCEGSVEHYNWLVDCGVPFKESFWGEPGWEPPF
DDGLMYSGGENAAPFNEIAAPAPRGHVPQMDGKRTGEKGGGYMLMKPLVETAEKLGVRAEYDMRVQTLVTDDTGRVVGIV
AKQYGKEVAVRARRGVVLATGSFAYNDKMIEAHAPRLIGRPGAAIEEHDGRSILMAQALGADLAHMDATEVAFVCDPQLI
VRGILVNGRGQRYVPEDTYSGRIGQMTLFHQDNQAFLIIDEASYEEGAAATTATPFLRVQPKWAAETVEELESDMGLPAG
ALQSTVEVYNKHAAEGSDPLLHKKSEWVKPIGTPVAALDLRGFTLGFTLGGLRTTVNSEVLHVSGEPIPGLFAAGRCTSG
VCAGGYASGTSLGDGSFYGRRAGISAAKQA
;
_entity_poly.pdbx_strand_id   A
#
loop_
_chem_comp.id
_chem_comp.type
_chem_comp.name
_chem_comp.formula
ASD non-polymer 4-ANDROSTENE-3-17-DIONE 'C19 H26 O2'
CL non-polymer 'CHLORIDE ION' 'Cl -1'
FAD non-polymer 'FLAVIN-ADENINE DINUCLEOTIDE' 'C27 H33 N9 O15 P2'
#
# COMPACT_ATOMS: atom_id res chain seq x y z
N ILE A 27 -23.31 0.90 16.69
CA ILE A 27 -21.89 1.41 16.65
C ILE A 27 -21.50 2.14 17.95
N ARG A 28 -22.49 2.66 18.67
CA ARG A 28 -22.25 3.34 19.94
C ARG A 28 -21.69 2.32 20.92
N PRO A 29 -20.78 2.76 21.81
CA PRO A 29 -20.19 1.81 22.74
C PRO A 29 -21.22 1.16 23.66
N ARG A 30 -20.99 -0.09 23.99
CA ARG A 30 -21.81 -0.82 24.93
C ARG A 30 -21.21 -0.66 26.33
N SER A 31 -22.04 -0.35 27.33
CA SER A 31 -21.55 -0.25 28.71
C SER A 31 -21.24 -1.64 29.26
N ALA A 32 -20.06 -1.78 29.89
CA ALA A 32 -19.63 -3.06 30.45
C ALA A 32 -20.63 -3.59 31.48
N THR A 33 -21.29 -2.68 32.19
CA THR A 33 -22.24 -3.09 33.23
C THR A 33 -23.45 -3.83 32.63
N THR A 34 -23.71 -3.61 31.35
CA THR A 34 -24.84 -4.25 30.66
C THR A 34 -24.50 -5.60 30.03
N VAL A 35 -23.23 -5.99 30.12
CA VAL A 35 -22.81 -7.29 29.61
C VAL A 35 -23.03 -8.35 30.70
N THR A 36 -24.00 -9.23 30.46
CA THR A 36 -24.43 -10.18 31.49
C THR A 36 -23.44 -11.35 31.62
N GLU A 37 -22.88 -11.78 30.49
CA GLU A 37 -21.82 -12.78 30.51
C GLU A 37 -20.87 -12.60 29.34
N TRP A 38 -19.60 -12.93 29.57
CA TRP A 38 -18.58 -12.86 28.54
C TRP A 38 -18.44 -14.21 27.91
N ASP A 39 -18.63 -14.29 26.60
CA ASP A 39 -18.51 -15.55 25.88
C ASP A 39 -17.08 -16.02 25.77
N TYR A 40 -16.17 -15.06 25.67
CA TYR A 40 -14.74 -15.32 25.58
C TYR A 40 -14.02 -14.25 26.38
N GLU A 41 -12.81 -14.57 26.84
CA GLU A 41 -11.97 -13.62 27.57
C GLU A 41 -10.51 -13.82 27.19
N ALA A 42 -9.76 -12.73 27.12
CA ALA A 42 -8.32 -12.76 26.87
C ALA A 42 -7.69 -11.50 27.48
N ASP A 43 -6.37 -11.46 27.52
CA ASP A 43 -5.69 -10.25 27.95
C ASP A 43 -5.69 -9.24 26.80
N VAL A 44 -5.27 -9.72 25.63
CA VAL A 44 -5.21 -8.90 24.42
C VAL A 44 -6.13 -9.51 23.39
N VAL A 45 -7.11 -8.71 22.94
CA VAL A 45 -8.07 -9.14 21.94
C VAL A 45 -7.72 -8.42 20.64
N VAL A 46 -7.39 -9.19 19.61
CA VAL A 46 -7.01 -8.64 18.30
C VAL A 46 -8.15 -8.84 17.33
N ALA A 47 -8.70 -7.74 16.84
CA ALA A 47 -9.76 -7.81 15.83
C ALA A 47 -9.14 -7.79 14.43
N GLY A 48 -9.20 -8.91 13.72
CA GLY A 48 -8.67 -8.99 12.35
C GLY A 48 -7.38 -9.79 12.27
N TYR A 49 -7.38 -10.83 11.46
CA TYR A 49 -6.23 -11.73 11.35
C TYR A 49 -5.48 -11.55 10.03
N GLY A 50 -5.08 -10.31 9.77
CA GLY A 50 -4.22 -10.00 8.62
C GLY A 50 -2.84 -9.64 9.13
N ILE A 51 -2.11 -8.80 8.40
CA ILE A 51 -0.72 -8.53 8.77
C ILE A 51 -0.58 -7.81 10.11
N ALA A 52 -1.40 -6.78 10.31
CA ALA A 52 -1.33 -5.99 11.54
C ALA A 52 -1.70 -6.87 12.73
N GLY A 53 -2.75 -7.66 12.55
CA GLY A 53 -3.24 -8.52 13.62
C GLY A 53 -2.25 -9.59 14.04
N VAL A 54 -1.66 -10.27 13.05
CA VAL A 54 -0.72 -11.36 13.40
C VAL A 54 0.53 -10.81 14.08
N ALA A 55 1.04 -9.66 13.61
CA ALA A 55 2.20 -9.03 14.21
C ALA A 55 1.93 -8.61 15.65
N ALA A 56 0.74 -8.06 15.89
CA ALA A 56 0.32 -7.67 17.24
C ALA A 56 0.25 -8.90 18.13
N SER A 57 -0.31 -9.99 17.59
CA SER A 57 -0.49 -11.21 18.38
CA SER A 57 -0.48 -11.22 18.37
C SER A 57 0.86 -11.81 18.80
N ILE A 58 1.84 -11.76 17.90
CA ILE A 58 3.17 -12.30 18.20
C ILE A 58 3.80 -11.54 19.36
N GLU A 59 3.78 -10.22 19.28
CA GLU A 59 4.41 -9.41 20.32
C GLU A 59 3.66 -9.57 21.65
N ALA A 60 2.33 -9.59 21.60
CA ALA A 60 1.55 -9.68 22.83
C ALA A 60 1.81 -11.02 23.52
N ALA A 61 1.88 -12.09 22.73
CA ALA A 61 2.12 -13.43 23.26
C ALA A 61 3.55 -13.56 23.82
N ARG A 62 4.52 -12.99 23.12
CA ARG A 62 5.90 -12.99 23.61
C ARG A 62 6.04 -12.22 24.93
N ALA A 63 5.18 -11.21 25.11
CA ALA A 63 5.16 -10.41 26.33
C ALA A 63 4.49 -11.15 27.48
N GLY A 64 3.95 -12.33 27.21
CA GLY A 64 3.31 -13.15 28.24
C GLY A 64 1.79 -13.03 28.34
N ALA A 65 1.18 -12.24 27.47
CA ALA A 65 -0.28 -12.04 27.47
C ALA A 65 -1.03 -13.21 26.87
N ASP A 66 -2.24 -13.43 27.35
CA ASP A 66 -3.18 -14.38 26.76
C ASP A 66 -3.83 -13.66 25.58
N VAL A 67 -3.59 -14.16 24.37
CA VAL A 67 -4.03 -13.47 23.14
C VAL A 67 -5.13 -14.21 22.40
N LEU A 68 -6.18 -13.48 22.04
CA LEU A 68 -7.26 -14.03 21.22
C LEU A 68 -7.49 -13.15 19.99
N VAL A 69 -7.35 -13.76 18.81
CA VAL A 69 -7.62 -13.06 17.55
C VAL A 69 -9.05 -13.38 17.12
N LEU A 70 -9.79 -12.35 16.72
CA LEU A 70 -11.15 -12.50 16.24
C LEU A 70 -11.17 -12.20 14.74
N GLU A 71 -11.53 -13.19 13.93
CA GLU A 71 -11.47 -13.02 12.48
C GLU A 71 -12.85 -13.21 11.88
N ARG A 72 -13.25 -12.28 11.02
CA ARG A 72 -14.61 -12.26 10.45
C ARG A 72 -14.87 -13.39 9.47
N THR A 73 -13.88 -13.74 8.67
CA THR A 73 -14.04 -14.82 7.69
C THR A 73 -13.71 -16.16 8.34
N SER A 74 -13.61 -17.21 7.53
CA SER A 74 -13.37 -18.55 8.06
C SER A 74 -11.87 -18.87 8.23
N GLY A 75 -11.00 -17.96 7.82
CA GLY A 75 -9.57 -18.20 7.92
C GLY A 75 -8.72 -16.95 7.96
N TRP A 76 -7.43 -17.12 8.23
CA TRP A 76 -6.51 -15.99 8.32
C TRP A 76 -6.02 -15.53 6.99
N GLY A 77 -5.46 -14.32 6.95
CA GLY A 77 -4.78 -13.84 5.75
C GLY A 77 -5.23 -12.47 5.27
N GLY A 78 -6.55 -12.26 5.22
CA GLY A 78 -7.13 -11.00 4.74
C GLY A 78 -6.62 -10.61 3.37
N ALA A 79 -6.52 -9.30 3.13
CA ALA A 79 -5.91 -8.76 1.91
C ALA A 79 -4.43 -9.09 1.86
N THR A 80 -3.80 -9.24 3.03
CA THR A 80 -2.36 -9.49 3.07
C THR A 80 -1.96 -10.74 2.27
N ALA A 81 -2.70 -11.83 2.47
CA ALA A 81 -2.37 -13.11 1.82
C ALA A 81 -2.54 -13.04 0.28
N LEU A 82 -3.25 -12.03 -0.20
CA LEU A 82 -3.47 -11.82 -1.63
C LEU A 82 -2.54 -10.77 -2.26
N ALA A 83 -1.73 -10.11 -1.42
CA ALA A 83 -0.85 -9.03 -1.84
C ALA A 83 0.38 -9.51 -2.61
N GLY A 84 1.01 -8.59 -3.34
CA GLY A 84 2.26 -8.85 -4.08
C GLY A 84 3.42 -9.24 -3.17
N GLY A 85 3.35 -8.76 -1.93
CA GLY A 85 4.31 -9.14 -0.91
C GLY A 85 5.39 -8.12 -0.65
N PHE A 86 5.33 -6.95 -1.31
CA PHE A 86 6.29 -5.88 -1.02
C PHE A 86 6.16 -5.45 0.43
N ILE A 87 7.30 -5.25 1.08
CA ILE A 87 7.36 -4.70 2.42
C ILE A 87 8.40 -3.58 2.33
N TYR A 88 7.97 -2.35 2.62
CA TYR A 88 8.80 -1.16 2.43
C TYR A 88 9.80 -1.00 3.57
N LEU A 89 11.04 -1.43 3.35
CA LEU A 89 12.05 -1.45 4.40
C LEU A 89 13.37 -0.90 3.88
N GLY A 90 14.20 -0.36 4.78
CA GLY A 90 15.45 0.22 4.33
C GLY A 90 16.31 0.67 5.48
N GLY A 91 17.22 1.59 5.18
CA GLY A 91 18.18 2.10 6.15
C GLY A 91 19.43 1.26 6.29
N GLY A 92 19.60 0.29 5.38
CA GLY A 92 20.73 -0.62 5.40
C GLY A 92 20.41 -2.03 5.85
N THR A 93 19.38 -2.64 5.28
CA THR A 93 19.04 -4.02 5.66
C THR A 93 20.11 -4.98 5.14
N PRO A 94 20.19 -6.19 5.74
CA PRO A 94 21.11 -7.18 5.16
C PRO A 94 20.82 -7.47 3.69
N LEU A 95 19.55 -7.38 3.28
CA LEU A 95 19.20 -7.61 1.87
C LEU A 95 19.76 -6.50 0.97
N GLN A 96 19.56 -5.24 1.36
CA GLN A 96 20.13 -4.12 0.62
C GLN A 96 21.64 -4.28 0.49
N LYS A 97 22.31 -4.61 1.59
CA LYS A 97 23.77 -4.75 1.59
C LYS A 97 24.22 -5.88 0.67
N ALA A 98 23.51 -7.01 0.73
CA ALA A 98 23.85 -8.18 -0.12
C ALA A 98 23.74 -7.86 -1.61
N CYS A 99 22.81 -6.96 -1.94
CA CYS A 99 22.58 -6.52 -3.32
C CYS A 99 23.39 -5.28 -3.70
N GLY A 100 24.14 -4.75 -2.73
CA GLY A 100 25.05 -3.64 -3.01
C GLY A 100 24.38 -2.28 -3.11
N PHE A 101 23.39 -2.03 -2.26
CA PHE A 101 22.73 -0.72 -2.25
C PHE A 101 22.89 -0.07 -0.90
N ASP A 102 23.58 1.07 -0.87
CA ASP A 102 23.66 1.86 0.36
C ASP A 102 22.34 2.53 0.69
N ASP A 103 22.10 2.71 1.98
CA ASP A 103 20.92 3.40 2.49
C ASP A 103 21.13 3.66 3.97
N SER A 104 20.33 4.59 4.50
CA SER A 104 20.40 4.96 5.91
C SER A 104 19.01 5.39 6.35
N PRO A 105 18.73 5.35 7.65
CA PRO A 105 17.44 5.86 8.13
C PRO A 105 17.18 7.30 7.73
N GLU A 106 18.21 8.14 7.72
CA GLU A 106 18.02 9.54 7.32
C GLU A 106 17.65 9.66 5.85
N ASN A 107 18.32 8.89 5.01
CA ASN A 107 18.05 8.91 3.57
C ASN A 107 16.63 8.38 3.28
N MET A 108 16.27 7.29 3.95
CA MET A 108 14.94 6.73 3.83
C MET A 108 13.87 7.75 4.26
N LYS A 109 14.10 8.41 5.39
CA LYS A 109 13.16 9.41 5.89
C LYS A 109 12.99 10.57 4.90
N THR A 110 14.11 11.03 4.34
CA THR A 110 14.08 12.15 3.38
C THR A 110 13.21 11.77 2.18
N PHE A 111 13.42 10.56 1.68
CA PHE A 111 12.59 10.10 0.58
C PHE A 111 11.12 10.04 0.96
N MET A 112 10.83 9.41 2.10
CA MET A 112 9.44 9.15 2.47
C MET A 112 8.66 10.44 2.73
N MET A 113 9.30 11.41 3.39
CA MET A 113 8.65 12.71 3.66
C MET A 113 8.29 13.40 2.34
N ALA A 114 9.18 13.30 1.36
CA ALA A 114 8.95 13.93 0.05
C ALA A 114 7.89 13.22 -0.78
N ALA A 115 7.90 11.89 -0.76
CA ALA A 115 7.10 11.09 -1.68
C ALA A 115 5.72 10.74 -1.15
N LEU A 116 5.57 10.73 0.17
CA LEU A 116 4.37 10.15 0.78
C LEU A 116 3.46 11.19 1.43
N GLY A 117 3.76 12.46 1.18
CA GLY A 117 2.94 13.57 1.67
C GLY A 117 1.96 14.03 0.60
N PRO A 118 1.54 15.30 0.64
CA PRO A 118 2.00 16.32 1.59
C PRO A 118 1.48 16.08 3.01
N GLY A 119 2.11 16.73 3.98
CA GLY A 119 1.67 16.64 5.37
C GLY A 119 1.89 15.27 6.01
N ALA A 120 2.90 14.54 5.54
CA ALA A 120 3.25 13.25 6.14
C ALA A 120 3.64 13.40 7.62
N ASP A 121 3.34 12.38 8.41
CA ASP A 121 3.59 12.39 9.85
C ASP A 121 5.08 12.19 10.10
N GLU A 122 5.80 13.28 10.39
CA GLU A 122 7.25 13.21 10.49
C GLU A 122 7.70 12.31 11.65
N GLU A 123 7.02 12.42 12.79
CA GLU A 123 7.34 11.57 13.92
C GLU A 123 7.22 10.10 13.55
N LYS A 124 6.11 9.73 12.92
CA LYS A 124 5.87 8.32 12.57
C LYS A 124 6.88 7.83 11.53
N ILE A 125 7.08 8.60 10.47
CA ILE A 125 8.05 8.21 9.45
C ILE A 125 9.46 8.07 10.02
N THR A 126 9.87 9.02 10.87
CA THR A 126 11.19 8.98 11.51
C THR A 126 11.35 7.67 12.30
N ASP A 127 10.34 7.39 13.11
CA ASP A 127 10.28 6.18 13.92
C ASP A 127 10.35 4.90 13.06
N TYR A 128 9.55 4.85 12.00
CA TYR A 128 9.53 3.73 11.08
C TYR A 128 10.91 3.51 10.45
N CYS A 129 11.57 4.61 10.08
CA CYS A 129 12.87 4.51 9.43
C CYS A 129 13.97 4.07 10.39
N GLU A 130 13.95 4.63 11.60
CA GLU A 130 14.97 4.28 12.59
C GLU A 130 14.88 2.81 13.03
N GLY A 131 13.67 2.24 12.97
CA GLY A 131 13.47 0.85 13.36
C GLY A 131 13.43 -0.15 12.21
N SER A 132 13.73 0.31 10.99
CA SER A 132 13.48 -0.52 9.80
C SER A 132 14.37 -1.76 9.69
N VAL A 133 15.67 -1.59 9.90
CA VAL A 133 16.59 -2.73 9.85
C VAL A 133 16.24 -3.76 10.93
N GLU A 134 15.96 -3.29 12.15
CA GLU A 134 15.53 -4.19 13.23
C GLU A 134 14.28 -4.96 12.82
N HIS A 135 13.36 -4.28 12.14
CA HIS A 135 12.11 -4.90 11.73
C HIS A 135 12.32 -5.94 10.65
N TYR A 136 13.22 -5.66 9.69
CA TYR A 136 13.56 -6.67 8.68
C TYR A 136 14.09 -7.92 9.37
N ASN A 137 15.03 -7.72 10.30
CA ASN A 137 15.63 -8.82 11.04
C ASN A 137 14.61 -9.61 11.86
N TRP A 138 13.64 -8.88 12.43
CA TRP A 138 12.55 -9.47 13.18
C TRP A 138 11.70 -10.37 12.31
N LEU A 139 11.40 -9.93 11.10
CA LEU A 139 10.64 -10.76 10.13
C LEU A 139 11.41 -12.01 9.75
N VAL A 140 12.70 -11.85 9.46
CA VAL A 140 13.56 -12.98 9.14
C VAL A 140 13.57 -13.99 10.30
N ASP A 141 13.67 -13.49 11.53
N ASP A 141 13.66 -13.49 11.53
CA ASP A 141 13.68 -14.35 12.70
CA ASP A 141 13.67 -14.33 12.74
C ASP A 141 12.39 -15.17 12.81
C ASP A 141 12.37 -15.12 12.93
N CYS A 142 11.26 -14.57 12.42
CA CYS A 142 9.97 -15.26 12.45
C CYS A 142 9.82 -16.27 11.33
N GLY A 143 10.81 -16.32 10.42
CA GLY A 143 10.82 -17.30 9.35
C GLY A 143 10.40 -16.81 7.97
N VAL A 144 10.28 -15.50 7.82
CA VAL A 144 9.98 -14.92 6.50
C VAL A 144 11.24 -14.99 5.66
N PRO A 145 11.20 -15.70 4.51
CA PRO A 145 12.41 -15.86 3.69
C PRO A 145 12.55 -14.76 2.64
N PHE A 146 13.78 -14.32 2.39
CA PHE A 146 14.06 -13.35 1.32
C PHE A 146 15.23 -13.84 0.49
N LYS A 147 15.08 -13.80 -0.83
CA LYS A 147 16.19 -14.13 -1.70
C LYS A 147 17.08 -12.90 -1.83
N GLU A 148 18.39 -13.08 -1.65
CA GLU A 148 19.31 -11.94 -1.67
C GLU A 148 19.69 -11.62 -3.13
N SER A 149 18.70 -11.13 -3.88
CA SER A 149 18.88 -10.75 -5.28
C SER A 149 17.92 -9.62 -5.60
N PHE A 150 18.33 -8.80 -6.57
CA PHE A 150 17.63 -7.57 -6.93
C PHE A 150 17.09 -7.68 -8.34
N TRP A 151 15.83 -7.27 -8.51
CA TRP A 151 15.23 -7.16 -9.85
C TRP A 151 15.25 -5.71 -10.26
N GLY A 152 15.87 -5.42 -11.40
CA GLY A 152 16.14 -4.03 -11.79
C GLY A 152 15.34 -3.45 -12.95
N GLU A 153 14.37 -4.19 -13.48
CA GLU A 153 13.63 -3.70 -14.64
C GLU A 153 12.28 -3.12 -14.23
N PRO A 154 11.75 -2.18 -15.04
CA PRO A 154 10.42 -1.65 -14.73
C PRO A 154 9.39 -2.77 -14.62
N GLY A 155 8.51 -2.65 -13.62
CA GLY A 155 7.45 -3.64 -13.42
C GLY A 155 6.70 -3.38 -12.14
N TRP A 156 5.62 -4.13 -11.94
CA TRP A 156 4.79 -4.01 -10.76
C TRP A 156 5.26 -4.89 -9.63
N GLU A 157 5.93 -5.99 -9.99
CA GLU A 157 6.56 -6.88 -9.01
C GLU A 157 7.68 -7.69 -9.66
N PRO A 158 8.55 -8.33 -8.85
CA PRO A 158 9.59 -9.15 -9.46
C PRO A 158 8.93 -10.32 -10.20
N PRO A 159 9.31 -10.54 -11.48
CA PRO A 159 8.78 -11.69 -12.24
C PRO A 159 9.19 -13.03 -11.65
N PHE A 160 10.32 -13.04 -10.96
CA PHE A 160 10.84 -14.26 -10.35
C PHE A 160 10.83 -14.11 -8.82
N ASP A 161 11.61 -14.92 -8.13
CA ASP A 161 11.54 -14.92 -6.67
C ASP A 161 12.54 -13.97 -6.02
N ASP A 162 12.93 -12.92 -6.74
CA ASP A 162 13.89 -11.94 -6.21
C ASP A 162 13.34 -11.20 -5.00
N GLY A 163 14.24 -10.80 -4.11
CA GLY A 163 13.83 -10.22 -2.84
C GLY A 163 13.83 -8.71 -2.76
N LEU A 164 14.47 -8.04 -3.71
CA LEU A 164 14.59 -6.57 -3.63
C LEU A 164 14.30 -5.90 -4.97
N MET A 165 13.56 -4.80 -4.91
CA MET A 165 13.15 -4.08 -6.13
C MET A 165 12.80 -2.65 -5.73
N TYR A 166 13.07 -1.69 -6.62
CA TYR A 166 12.54 -0.34 -6.45
C TYR A 166 11.02 -0.39 -6.48
N SER A 167 10.38 0.36 -5.58
CA SER A 167 8.93 0.24 -5.42
C SER A 167 8.22 1.56 -5.13
N GLY A 168 8.96 2.67 -5.17
CA GLY A 168 8.37 3.96 -4.82
C GLY A 168 8.76 5.16 -5.68
N GLY A 169 9.52 4.91 -6.75
CA GLY A 169 10.00 6.00 -7.60
C GLY A 169 11.28 6.65 -7.07
N GLU A 170 12.00 5.92 -6.22
CA GLU A 170 13.23 6.43 -5.59
C GLU A 170 14.30 6.73 -6.64
N ASN A 171 14.27 5.97 -7.73
N ASN A 171 14.24 5.97 -7.74
CA ASN A 171 15.26 6.10 -8.78
CA ASN A 171 15.23 6.04 -8.81
C ASN A 171 14.70 6.81 -10.01
C ASN A 171 14.78 6.90 -10.00
N ALA A 172 13.79 7.75 -9.77
CA ALA A 172 13.23 8.57 -10.84
C ALA A 172 12.95 9.98 -10.32
N ALA A 173 12.78 10.92 -11.23
CA ALA A 173 12.45 12.30 -10.88
C ALA A 173 11.06 12.33 -10.23
N PRO A 174 10.84 13.26 -9.27
CA PRO A 174 11.77 14.25 -8.74
C PRO A 174 12.64 13.71 -7.61
N PHE A 175 12.33 12.52 -7.11
CA PHE A 175 12.89 12.07 -5.83
C PHE A 175 14.37 11.70 -5.89
N ASN A 176 14.83 11.29 -7.07
CA ASN A 176 16.24 10.96 -7.24
C ASN A 176 17.20 12.14 -7.10
N GLU A 177 16.68 13.37 -7.01
CA GLU A 177 17.52 14.54 -6.71
C GLU A 177 17.30 15.06 -5.28
N ILE A 178 16.37 14.42 -4.57
CA ILE A 178 15.98 14.82 -3.22
C ILE A 178 16.60 13.88 -2.18
N ALA A 179 16.65 12.59 -2.52
CA ALA A 179 17.25 11.56 -1.68
C ALA A 179 18.08 10.69 -2.59
N ALA A 180 19.12 10.06 -2.04
CA ALA A 180 19.90 9.12 -2.84
C ALA A 180 19.04 7.90 -3.12
N PRO A 181 18.88 7.50 -4.39
CA PRO A 181 18.07 6.32 -4.70
C PRO A 181 18.54 5.06 -3.99
N ALA A 182 17.60 4.35 -3.40
CA ALA A 182 17.87 3.05 -2.80
C ALA A 182 16.58 2.27 -2.90
N PRO A 183 16.66 1.01 -3.36
CA PRO A 183 15.47 0.18 -3.45
C PRO A 183 15.07 -0.29 -2.07
N ARG A 184 13.76 -0.24 -1.79
CA ARG A 184 13.26 -0.59 -0.47
C ARG A 184 12.11 -1.60 -0.53
N GLY A 185 11.76 -2.04 -1.74
CA GLY A 185 10.73 -3.08 -1.86
C GLY A 185 11.32 -4.45 -1.55
N HIS A 186 11.12 -4.92 -0.32
CA HIS A 186 11.59 -6.24 0.12
C HIS A 186 10.48 -7.24 -0.07
N VAL A 187 10.75 -8.32 -0.80
CA VAL A 187 9.67 -9.23 -1.21
C VAL A 187 9.99 -10.64 -0.75
N PRO A 188 9.12 -11.26 0.05
CA PRO A 188 9.42 -12.62 0.52
C PRO A 188 9.57 -13.61 -0.64
N GLN A 189 10.41 -14.61 -0.43
CA GLN A 189 10.74 -15.59 -1.45
C GLN A 189 9.60 -16.59 -1.57
N MET A 190 9.05 -16.69 -2.78
CA MET A 190 7.92 -17.55 -3.06
C MET A 190 7.87 -17.86 -4.56
N ASP A 191 7.56 -19.11 -4.88
CA ASP A 191 7.34 -19.51 -6.28
C ASP A 191 5.86 -19.47 -6.66
N GLY A 192 5.58 -19.20 -7.93
CA GLY A 192 4.23 -19.17 -8.46
C GLY A 192 3.33 -18.17 -7.75
N LYS A 193 3.85 -16.96 -7.54
CA LYS A 193 3.09 -15.89 -6.87
C LYS A 193 1.94 -15.42 -7.77
N ARG A 194 0.73 -15.40 -7.21
CA ARG A 194 -0.47 -14.99 -7.96
C ARG A 194 -1.23 -13.91 -7.20
N THR A 195 -0.87 -12.65 -7.47
CA THR A 195 -1.50 -11.49 -6.82
C THR A 195 -3.01 -11.52 -7.02
N GLY A 196 -3.75 -11.40 -5.93
CA GLY A 196 -5.21 -11.45 -5.95
C GLY A 196 -5.80 -12.80 -5.58
N GLU A 197 -4.95 -13.83 -5.50
CA GLU A 197 -5.39 -15.20 -5.20
C GLU A 197 -4.59 -15.80 -4.04
N LYS A 198 -3.27 -15.70 -4.15
CA LYS A 198 -2.31 -16.17 -3.16
C LYS A 198 -0.99 -15.56 -3.63
N GLY A 199 -0.80 -14.29 -3.30
CA GLY A 199 0.36 -13.55 -3.76
C GLY A 199 1.56 -13.73 -2.85
N GLY A 200 2.62 -12.97 -3.12
CA GLY A 200 3.83 -12.99 -2.30
C GLY A 200 3.53 -12.67 -0.86
N GLY A 201 2.43 -11.96 -0.62
CA GLY A 201 1.99 -11.62 0.72
C GLY A 201 1.69 -12.83 1.58
N TYR A 202 1.32 -13.94 0.93
CA TYR A 202 1.10 -15.21 1.63
C TYR A 202 2.35 -15.69 2.36
N MET A 203 3.52 -15.50 1.76
CA MET A 203 4.77 -15.93 2.40
C MET A 203 5.30 -14.94 3.43
N LEU A 204 4.61 -13.80 3.59
CA LEU A 204 4.78 -12.99 4.77
C LEU A 204 3.87 -13.55 5.87
N MET A 205 2.60 -13.78 5.53
CA MET A 205 1.61 -14.22 6.51
C MET A 205 1.88 -15.59 7.13
N LYS A 206 2.20 -16.58 6.30
CA LYS A 206 2.31 -17.97 6.75
C LYS A 206 3.34 -18.16 7.89
N PRO A 207 4.61 -17.70 7.70
CA PRO A 207 5.57 -17.84 8.81
C PRO A 207 5.16 -17.10 10.09
N LEU A 208 4.51 -15.95 9.95
CA LEU A 208 4.04 -15.18 11.12
C LEU A 208 2.92 -15.94 11.85
N VAL A 209 2.02 -16.54 11.09
CA VAL A 209 0.95 -17.34 11.66
C VAL A 209 1.52 -18.54 12.42
N GLU A 210 2.48 -19.23 11.80
CA GLU A 210 3.19 -20.34 12.44
C GLU A 210 3.82 -19.90 13.76
N THR A 211 4.44 -18.72 13.74
CA THR A 211 5.08 -18.14 14.92
C THR A 211 4.03 -17.89 16.01
N ALA A 212 2.93 -17.25 15.63
CA ALA A 212 1.85 -16.98 16.59
C ALA A 212 1.25 -18.25 17.18
N GLU A 213 1.06 -19.27 16.36
CA GLU A 213 0.45 -20.52 16.82
C GLU A 213 1.36 -21.23 17.84
N LYS A 214 2.66 -21.24 17.56
CA LYS A 214 3.62 -21.85 18.49
C LYS A 214 3.69 -21.11 19.81
N LEU A 215 3.36 -19.83 19.80
CA LEU A 215 3.32 -19.01 21.01
C LEU A 215 2.04 -19.22 21.81
N GLY A 216 1.07 -19.94 21.23
CA GLY A 216 -0.21 -20.18 21.89
C GLY A 216 -1.29 -19.13 21.62
N VAL A 217 -1.10 -18.30 20.59
CA VAL A 217 -2.15 -17.37 20.19
C VAL A 217 -3.41 -18.16 19.81
N ARG A 218 -4.56 -17.72 20.33
CA ARG A 218 -5.85 -18.36 20.07
C ARG A 218 -6.57 -17.58 18.96
N ALA A 219 -7.37 -18.29 18.16
CA ALA A 219 -8.16 -17.63 17.10
C ALA A 219 -9.61 -18.13 17.08
N GLU A 220 -10.54 -17.20 16.91
CA GLU A 220 -11.95 -17.52 16.69
C GLU A 220 -12.40 -16.93 15.37
N TYR A 221 -13.11 -17.74 14.58
CA TYR A 221 -13.51 -17.35 13.21
C TYR A 221 -15.00 -17.05 13.14
N ASP A 222 -15.45 -16.56 11.98
CA ASP A 222 -16.80 -16.03 11.81
C ASP A 222 -17.14 -14.96 12.85
N MET A 223 -16.11 -14.25 13.33
CA MET A 223 -16.28 -13.21 14.33
C MET A 223 -16.37 -11.86 13.66
N ARG A 224 -17.59 -11.37 13.46
CA ARG A 224 -17.75 -10.04 12.93
C ARG A 224 -17.86 -9.03 14.07
N VAL A 225 -16.75 -8.37 14.38
CA VAL A 225 -16.76 -7.41 15.48
C VAL A 225 -17.65 -6.23 15.09
N GLN A 226 -18.47 -5.78 16.05
CA GLN A 226 -19.50 -4.77 15.78
C GLN A 226 -19.31 -3.48 16.56
N THR A 227 -18.99 -3.58 17.85
CA THR A 227 -18.95 -2.42 18.75
CA THR A 227 -18.81 -2.37 18.66
C THR A 227 -17.94 -2.62 19.87
N LEU A 228 -17.42 -1.54 20.43
CA LEU A 228 -16.52 -1.62 21.57
C LEU A 228 -17.32 -1.57 22.86
N VAL A 229 -16.81 -2.24 23.90
CA VAL A 229 -17.39 -2.19 25.22
C VAL A 229 -16.50 -1.29 26.09
N THR A 230 -17.11 -0.35 26.79
CA THR A 230 -16.36 0.56 27.65
C THR A 230 -16.85 0.49 29.10
N ASP A 231 -15.96 0.71 30.06
CA ASP A 231 -16.41 0.86 31.46
C ASP A 231 -16.75 2.33 31.75
N ASP A 232 -17.08 2.64 33.00
CA ASP A 232 -17.56 3.99 33.33
C ASP A 232 -16.45 5.06 33.32
N THR A 233 -15.21 4.65 33.16
CA THR A 233 -14.09 5.59 33.00
C THR A 233 -13.82 5.88 31.52
N GLY A 234 -14.50 5.13 30.63
CA GLY A 234 -14.29 5.27 29.20
C GLY A 234 -13.22 4.33 28.64
N ARG A 235 -12.64 3.50 29.50
CA ARG A 235 -11.67 2.49 29.07
C ARG A 235 -12.34 1.41 28.21
N VAL A 236 -11.69 1.02 27.12
CA VAL A 236 -12.17 -0.08 26.29
C VAL A 236 -11.79 -1.38 27.00
N VAL A 237 -12.80 -2.19 27.32
CA VAL A 237 -12.60 -3.40 28.13
C VAL A 237 -13.06 -4.66 27.42
N GLY A 238 -13.46 -4.52 26.15
CA GLY A 238 -13.89 -5.69 25.37
C GLY A 238 -14.59 -5.26 24.09
N ILE A 239 -15.16 -6.23 23.39
CA ILE A 239 -15.90 -5.97 22.15
C ILE A 239 -17.18 -6.80 22.11
N VAL A 240 -18.11 -6.37 21.27
CA VAL A 240 -19.30 -7.16 20.95
C VAL A 240 -19.18 -7.57 19.49
N ALA A 241 -19.49 -8.83 19.20
CA ALA A 241 -19.42 -9.34 17.82
C ALA A 241 -20.64 -10.19 17.48
N LYS A 242 -20.85 -10.44 16.20
CA LYS A 242 -21.74 -11.53 15.78
C LYS A 242 -20.88 -12.73 15.36
N GLN A 243 -21.14 -13.90 15.94
CA GLN A 243 -20.43 -15.12 15.57
C GLN A 243 -21.41 -16.26 15.46
N TYR A 244 -21.31 -17.01 14.36
CA TYR A 244 -22.21 -18.15 14.11
C TYR A 244 -23.65 -17.76 14.42
N GLY A 245 -24.05 -16.60 13.88
CA GLY A 245 -25.45 -16.17 13.92
C GLY A 245 -25.93 -15.50 15.19
N LYS A 246 -25.11 -15.48 16.23
CA LYS A 246 -25.55 -14.89 17.49
C LYS A 246 -24.58 -13.82 18.02
N GLU A 247 -25.12 -12.95 18.87
CA GLU A 247 -24.29 -11.93 19.52
CA GLU A 247 -24.29 -11.94 19.50
C GLU A 247 -23.41 -12.58 20.59
N VAL A 248 -22.13 -12.22 20.58
CA VAL A 248 -21.19 -12.66 21.61
C VAL A 248 -20.45 -11.46 22.19
N ALA A 249 -20.00 -11.56 23.43
CA ALA A 249 -19.16 -10.51 24.03
C ALA A 249 -17.79 -11.10 24.37
N VAL A 250 -16.74 -10.36 24.07
CA VAL A 250 -15.38 -10.83 24.29
C VAL A 250 -14.65 -9.85 25.18
N ARG A 251 -14.16 -10.32 26.32
CA ARG A 251 -13.50 -9.44 27.30
C ARG A 251 -12.01 -9.30 26.99
N ALA A 252 -11.52 -8.06 27.09
CA ALA A 252 -10.10 -7.75 26.88
C ALA A 252 -9.55 -7.13 28.16
N ARG A 253 -8.83 -7.93 28.95
CA ARG A 253 -8.33 -7.44 30.25
C ARG A 253 -7.32 -6.29 30.11
N ARG A 254 -6.50 -6.33 29.07
CA ARG A 254 -5.42 -5.35 28.92
C ARG A 254 -5.59 -4.45 27.70
N GLY A 255 -6.14 -4.97 26.61
CA GLY A 255 -6.33 -4.12 25.44
C GLY A 255 -6.99 -4.79 24.26
N VAL A 256 -7.65 -3.97 23.45
CA VAL A 256 -8.22 -4.36 22.18
C VAL A 256 -7.33 -3.76 21.09
N VAL A 257 -6.92 -4.59 20.14
CA VAL A 257 -6.18 -4.10 18.95
C VAL A 257 -7.09 -4.18 17.73
N LEU A 258 -7.40 -3.02 17.16
CA LEU A 258 -8.17 -2.97 15.92
C LEU A 258 -7.24 -3.16 14.72
N ALA A 259 -7.51 -4.19 13.94
CA ALA A 259 -6.62 -4.58 12.83
C ALA A 259 -7.47 -5.17 11.70
N THR A 260 -8.65 -4.58 11.51
CA THR A 260 -9.66 -5.12 10.58
C THR A 260 -9.62 -4.52 9.17
N GLY A 261 -8.63 -3.68 8.88
CA GLY A 261 -8.49 -3.20 7.51
C GLY A 261 -9.18 -1.87 7.24
N SER A 262 -9.31 -1.55 5.96
CA SER A 262 -9.64 -0.19 5.51
C SER A 262 -11.13 0.04 5.36
N PHE A 263 -11.49 1.18 4.76
CA PHE A 263 -12.89 1.49 4.46
C PHE A 263 -13.23 1.44 2.97
N ALA A 264 -12.33 0.83 2.19
CA ALA A 264 -12.45 0.87 0.72
C ALA A 264 -13.80 0.41 0.17
N TYR A 265 -14.43 -0.56 0.83
CA TYR A 265 -15.71 -1.07 0.35
C TYR A 265 -16.95 -0.48 1.02
N ASN A 266 -16.76 0.55 1.82
CA ASN A 266 -17.87 1.29 2.40
C ASN A 266 -18.22 2.48 1.49
N ASP A 267 -19.31 2.36 0.72
CA ASP A 267 -19.67 3.37 -0.28
C ASP A 267 -19.90 4.76 0.32
N LYS A 268 -20.58 4.83 1.46
CA LYS A 268 -20.86 6.09 2.15
C LYS A 268 -19.56 6.79 2.51
N MET A 269 -18.63 6.02 3.08
CA MET A 269 -17.35 6.56 3.49
C MET A 269 -16.48 6.97 2.30
N ILE A 270 -16.52 6.19 1.22
CA ILE A 270 -15.77 6.57 0.00
C ILE A 270 -16.29 7.92 -0.51
N GLU A 271 -17.60 8.08 -0.54
CA GLU A 271 -18.16 9.33 -1.05
C GLU A 271 -17.81 10.52 -0.17
N ALA A 272 -17.87 10.32 1.16
CA ALA A 272 -17.63 11.39 2.12
C ALA A 272 -16.16 11.75 2.25
N HIS A 273 -15.27 10.78 2.05
CA HIS A 273 -13.86 10.95 2.41
C HIS A 273 -12.88 10.84 1.29
N ALA A 274 -13.14 9.94 0.34
CA ALA A 274 -12.19 9.65 -0.72
C ALA A 274 -12.91 9.52 -2.08
N PRO A 275 -13.67 10.57 -2.47
CA PRO A 275 -14.57 10.44 -3.62
C PRO A 275 -13.86 10.21 -4.97
N ARG A 276 -12.55 10.42 -5.03
CA ARG A 276 -11.80 10.10 -6.27
C ARG A 276 -11.83 8.61 -6.59
N LEU A 277 -12.22 7.77 -5.61
CA LEU A 277 -12.34 6.32 -5.82
C LEU A 277 -13.73 5.84 -6.21
N ILE A 278 -14.70 6.73 -6.23
CA ILE A 278 -16.06 6.36 -6.65
C ILE A 278 -16.01 5.70 -8.02
N GLY A 279 -16.53 4.47 -8.08
CA GLY A 279 -16.60 3.73 -9.33
C GLY A 279 -15.30 3.07 -9.77
N ARG A 280 -14.26 3.17 -8.97
CA ARG A 280 -12.97 2.55 -9.34
C ARG A 280 -12.26 1.85 -8.17
N PRO A 281 -12.97 0.95 -7.47
CA PRO A 281 -12.38 0.21 -6.35
C PRO A 281 -11.28 -0.75 -6.82
N GLY A 282 -10.20 -0.81 -6.03
CA GLY A 282 -9.09 -1.71 -6.31
C GLY A 282 -8.73 -2.61 -5.13
N ALA A 283 -9.31 -2.35 -3.94
CA ALA A 283 -8.97 -3.11 -2.73
C ALA A 283 -9.31 -4.59 -2.88
N ALA A 284 -8.58 -5.43 -2.15
CA ALA A 284 -8.62 -6.88 -2.36
C ALA A 284 -9.89 -7.56 -1.81
N ILE A 285 -10.32 -7.16 -0.62
CA ILE A 285 -11.44 -7.87 0.05
C ILE A 285 -12.57 -6.95 0.53
N GLU A 286 -13.80 -7.46 0.45
CA GLU A 286 -15.00 -6.68 0.82
C GLU A 286 -15.22 -6.50 2.32
N GLU A 287 -14.48 -7.26 3.13
CA GLU A 287 -14.52 -7.09 4.57
C GLU A 287 -13.89 -5.75 5.02
N HIS A 288 -13.30 -5.03 4.09
CA HIS A 288 -12.77 -3.68 4.37
C HIS A 288 -13.90 -2.70 4.31
N ASP A 289 -14.71 -2.65 5.37
CA ASP A 289 -15.93 -1.83 5.35
C ASP A 289 -15.92 -0.67 6.35
N GLY A 290 -14.75 -0.41 6.93
CA GLY A 290 -14.54 0.76 7.79
C GLY A 290 -15.10 0.63 9.20
N ARG A 291 -15.67 -0.53 9.53
CA ARG A 291 -16.34 -0.69 10.83
C ARG A 291 -15.47 -0.30 12.03
N SER A 292 -14.20 -0.71 12.03
CA SER A 292 -13.32 -0.39 13.16
CA SER A 292 -13.26 -0.40 13.12
C SER A 292 -13.02 1.10 13.27
N ILE A 293 -12.95 1.79 12.14
CA ILE A 293 -12.79 3.25 12.15
C ILE A 293 -14.00 3.86 12.83
N LEU A 294 -15.19 3.45 12.41
CA LEU A 294 -16.43 4.00 12.95
C LEU A 294 -16.60 3.68 14.44
N MET A 295 -16.27 2.46 14.84
CA MET A 295 -16.38 2.01 16.22
C MET A 295 -15.54 2.90 17.13
N ALA A 296 -14.35 3.26 16.64
CA ALA A 296 -13.43 4.06 17.42
C ALA A 296 -13.87 5.53 17.42
N GLN A 297 -14.32 6.04 16.26
CA GLN A 297 -14.84 7.41 16.21
C GLN A 297 -15.98 7.61 17.20
N ALA A 298 -16.79 6.56 17.43
CA ALA A 298 -17.89 6.64 18.39
C ALA A 298 -17.42 7.02 19.79
N LEU A 299 -16.14 6.72 20.09
CA LEU A 299 -15.53 7.04 21.38
C LEU A 299 -14.78 8.38 21.37
N GLY A 300 -14.85 9.11 20.26
CA GLY A 300 -14.08 10.33 20.11
C GLY A 300 -12.71 10.17 19.45
N ALA A 301 -12.42 9.01 18.87
CA ALA A 301 -11.15 8.83 18.19
C ALA A 301 -11.01 9.77 17.00
N ASP A 302 -9.78 10.24 16.82
CA ASP A 302 -9.45 11.17 15.75
C ASP A 302 -9.07 10.40 14.47
N LEU A 303 -9.09 11.11 13.34
CA LEU A 303 -8.77 10.56 12.01
C LEU A 303 -7.70 11.39 11.36
N ALA A 304 -7.02 10.84 10.37
CA ALA A 304 -6.11 11.64 9.56
C ALA A 304 -6.09 11.14 8.12
N HIS A 305 -5.92 12.10 7.20
CA HIS A 305 -5.67 11.81 5.78
C HIS A 305 -6.69 10.91 5.16
N MET A 306 -7.96 11.17 5.47
CA MET A 306 -9.05 10.32 5.00
C MET A 306 -9.23 10.32 3.49
N ASP A 307 -8.63 11.33 2.84
CA ASP A 307 -8.66 11.44 1.40
C ASP A 307 -7.54 10.67 0.69
N ALA A 308 -6.58 10.14 1.43
CA ALA A 308 -5.39 9.53 0.82
C ALA A 308 -5.72 8.19 0.16
N THR A 309 -5.29 8.01 -1.08
CA THR A 309 -5.59 6.79 -1.83
C THR A 309 -4.41 6.30 -2.66
N GLU A 310 -4.11 5.02 -2.51
CA GLU A 310 -3.25 4.32 -3.46
C GLU A 310 -3.98 4.29 -4.79
N VAL A 311 -3.25 4.42 -5.90
CA VAL A 311 -3.85 4.37 -7.24
C VAL A 311 -2.96 3.56 -8.17
N ALA A 312 -3.49 2.47 -8.69
CA ALA A 312 -2.78 1.63 -9.65
C ALA A 312 -3.16 2.07 -11.07
N PHE A 313 -2.37 1.65 -12.04
CA PHE A 313 -2.55 2.06 -13.44
C PHE A 313 -2.33 0.79 -14.23
N VAL A 314 -3.41 0.25 -14.82
CA VAL A 314 -3.36 -1.14 -15.30
C VAL A 314 -2.81 -1.29 -16.71
N CYS A 315 -1.56 -0.91 -16.86
CA CYS A 315 -0.81 -1.11 -18.08
C CYS A 315 0.59 -1.56 -17.68
N ASP A 316 1.24 -2.36 -18.50
CA ASP A 316 2.53 -2.91 -18.11
C ASP A 316 3.64 -1.85 -18.14
N PRO A 317 4.43 -1.75 -17.07
CA PRO A 317 5.50 -0.74 -17.03
C PRO A 317 6.58 -0.87 -18.11
N GLN A 318 6.80 -2.07 -18.65
CA GLN A 318 7.82 -2.22 -19.70
C GLN A 318 7.38 -1.53 -21.00
N LEU A 319 6.08 -1.41 -21.22
CA LEU A 319 5.56 -0.63 -22.35
C LEU A 319 5.66 0.87 -22.04
N ILE A 320 5.16 1.24 -20.86
CA ILE A 320 5.10 2.65 -20.46
CA ILE A 320 5.10 2.65 -20.47
C ILE A 320 6.48 3.33 -20.59
N VAL A 321 7.51 2.65 -20.08
CA VAL A 321 8.84 3.26 -20.02
C VAL A 321 9.47 3.53 -21.39
N ARG A 322 8.95 2.88 -22.43
CA ARG A 322 9.49 3.00 -23.77
C ARG A 322 8.71 3.95 -24.67
N GLY A 323 7.70 4.61 -24.12
CA GLY A 323 6.98 5.64 -24.86
C GLY A 323 6.88 6.93 -24.08
N ILE A 324 5.97 7.81 -24.51
CA ILE A 324 5.61 8.96 -23.68
C ILE A 324 4.13 8.94 -23.34
N LEU A 325 3.83 9.27 -22.09
CA LEU A 325 2.45 9.43 -21.68
C LEU A 325 2.00 10.86 -21.96
N VAL A 326 0.84 11.00 -22.60
CA VAL A 326 0.27 12.32 -22.78
C VAL A 326 -1.12 12.37 -22.17
N ASN A 327 -1.53 13.55 -21.71
CA ASN A 327 -2.87 13.73 -21.18
C ASN A 327 -3.90 13.98 -22.30
N GLY A 328 -5.11 14.38 -21.93
CA GLY A 328 -6.17 14.62 -22.90
C GLY A 328 -5.91 15.81 -23.81
N ARG A 329 -4.95 16.65 -23.44
CA ARG A 329 -4.51 17.78 -24.28
C ARG A 329 -3.25 17.44 -25.09
N GLY A 330 -2.85 16.17 -25.08
CA GLY A 330 -1.65 15.75 -25.83
C GLY A 330 -0.33 16.19 -25.22
N GLN A 331 -0.34 16.49 -23.92
CA GLN A 331 0.85 17.01 -23.21
C GLN A 331 1.46 15.96 -22.29
N ARG A 332 2.79 15.91 -22.24
CA ARG A 332 3.46 15.07 -21.23
C ARG A 332 3.26 15.65 -19.82
N TYR A 333 3.24 14.77 -18.81
CA TYR A 333 2.98 15.24 -17.43
C TYR A 333 3.71 14.46 -16.34
N VAL A 334 4.32 13.32 -16.68
CA VAL A 334 5.02 12.50 -15.69
C VAL A 334 6.20 11.77 -16.36
N PRO A 335 7.37 11.68 -15.68
CA PRO A 335 8.42 10.86 -16.30
C PRO A 335 7.98 9.39 -16.35
N GLU A 336 8.18 8.76 -17.50
CA GLU A 336 7.61 7.43 -17.74
C GLU A 336 8.35 6.31 -17.03
N ASP A 337 9.45 6.66 -16.34
CA ASP A 337 10.22 5.67 -15.59
C ASP A 337 10.00 5.75 -14.08
N THR A 338 9.07 6.58 -13.64
CA THR A 338 8.73 6.56 -12.22
C THR A 338 7.88 5.34 -11.89
N TYR A 339 7.64 5.14 -10.59
CA TYR A 339 6.76 4.11 -10.10
C TYR A 339 5.38 4.19 -10.76
N SER A 340 4.88 3.07 -11.25
CA SER A 340 3.61 3.12 -11.97
C SER A 340 2.41 3.52 -11.09
N GLY A 341 2.55 3.34 -9.76
CA GLY A 341 1.58 3.87 -8.80
C GLY A 341 1.55 5.39 -8.78
N ARG A 342 2.73 6.01 -8.92
CA ARG A 342 2.81 7.46 -9.01
C ARG A 342 2.22 7.91 -10.33
N ILE A 343 2.49 7.19 -11.41
CA ILE A 343 1.82 7.46 -12.68
C ILE A 343 0.30 7.42 -12.52
N GLY A 344 -0.19 6.42 -11.80
CA GLY A 344 -1.62 6.27 -11.50
C GLY A 344 -2.17 7.48 -10.77
N GLN A 345 -1.50 7.90 -9.69
CA GLN A 345 -1.94 9.07 -8.93
C GLN A 345 -1.90 10.33 -9.79
N MET A 346 -0.83 10.53 -10.55
CA MET A 346 -0.76 11.75 -11.36
C MET A 346 -1.88 11.78 -12.39
N THR A 347 -2.15 10.62 -12.97
CA THR A 347 -3.17 10.51 -14.02
C THR A 347 -4.56 10.78 -13.46
N LEU A 348 -4.94 10.06 -12.40
CA LEU A 348 -6.25 10.22 -11.81
C LEU A 348 -6.43 11.58 -11.16
N PHE A 349 -5.43 11.99 -10.37
CA PHE A 349 -5.58 13.22 -9.57
C PHE A 349 -5.51 14.46 -10.45
N HIS A 350 -4.53 14.50 -11.37
CA HIS A 350 -4.17 15.77 -12.01
C HIS A 350 -4.47 15.88 -13.47
N GLN A 351 -4.79 14.75 -14.12
CA GLN A 351 -5.05 14.75 -15.56
C GLN A 351 -6.46 14.27 -15.91
N ASP A 352 -7.36 14.39 -14.93
N ASP A 352 -7.39 14.40 -14.96
CA ASP A 352 -8.77 13.99 -15.08
CA ASP A 352 -8.79 14.02 -15.20
C ASP A 352 -8.93 12.56 -15.59
C ASP A 352 -8.92 12.54 -15.61
N ASN A 353 -7.98 11.72 -15.17
CA ASN A 353 -7.97 10.28 -15.50
C ASN A 353 -7.80 9.97 -16.99
N GLN A 354 -7.32 10.95 -17.76
CA GLN A 354 -7.12 10.79 -19.20
C GLN A 354 -5.66 10.65 -19.52
N ALA A 355 -5.28 9.54 -20.15
CA ALA A 355 -3.89 9.33 -20.56
C ALA A 355 -3.84 8.48 -21.82
N PHE A 356 -2.79 8.71 -22.61
CA PHE A 356 -2.50 7.89 -23.78
C PHE A 356 -1.02 7.61 -23.77
N LEU A 357 -0.63 6.40 -24.18
CA LEU A 357 0.79 6.10 -24.39
C LEU A 357 1.10 6.22 -25.87
N ILE A 358 2.01 7.13 -26.19
CA ILE A 358 2.48 7.33 -27.56
C ILE A 358 3.80 6.57 -27.67
N ILE A 359 3.87 5.64 -28.61
CA ILE A 359 5.02 4.74 -28.68
C ILE A 359 5.25 4.29 -30.11
N ASP A 360 6.51 4.27 -30.54
CA ASP A 360 6.77 3.80 -31.90
C ASP A 360 6.70 2.27 -31.96
N GLU A 361 6.48 1.75 -33.15
CA GLU A 361 6.22 0.33 -33.32
C GLU A 361 7.37 -0.52 -32.79
N ALA A 362 8.61 -0.15 -33.12
CA ALA A 362 9.78 -0.91 -32.66
C ALA A 362 9.86 -0.92 -31.14
N SER A 363 9.56 0.22 -30.51
CA SER A 363 9.63 0.30 -29.05
C SER A 363 8.51 -0.50 -28.38
N TYR A 364 7.33 -0.50 -29.01
CA TYR A 364 6.25 -1.31 -28.51
C TYR A 364 6.64 -2.79 -28.55
N GLU A 365 7.20 -3.23 -29.68
CA GLU A 365 7.62 -4.63 -29.84
C GLU A 365 8.65 -5.01 -28.78
N GLU A 366 9.61 -4.12 -28.53
CA GLU A 366 10.62 -4.40 -27.52
C GLU A 366 10.00 -4.47 -26.12
N GLY A 367 9.12 -3.52 -25.81
CA GLY A 367 8.48 -3.53 -24.50
C GLY A 367 7.59 -4.74 -24.29
N ALA A 368 6.90 -5.15 -25.35
CA ALA A 368 5.97 -6.27 -25.28
C ALA A 368 6.70 -7.60 -25.13
N ALA A 369 7.99 -7.64 -25.47
CA ALA A 369 8.82 -8.84 -25.35
C ALA A 369 9.61 -8.87 -24.04
N ALA A 370 9.62 -7.75 -23.33
CA ALA A 370 10.43 -7.58 -22.13
C ALA A 370 9.85 -8.37 -20.97
N THR A 371 10.71 -8.74 -20.02
CA THR A 371 10.32 -9.62 -18.94
C THR A 371 9.44 -8.90 -17.93
N THR A 372 8.26 -9.47 -17.66
CA THR A 372 7.33 -8.85 -16.73
C THR A 372 6.50 -9.85 -15.92
N ALA A 373 6.15 -9.47 -14.70
CA ALA A 373 5.23 -10.25 -13.87
C ALA A 373 3.78 -10.08 -14.32
N THR A 374 3.52 -9.11 -15.18
CA THR A 374 2.14 -8.76 -15.56
C THR A 374 1.96 -8.73 -17.09
N PRO A 375 2.22 -9.86 -17.79
CA PRO A 375 2.05 -9.86 -19.25
C PRO A 375 0.59 -9.59 -19.66
N PHE A 376 -0.35 -9.85 -18.75
CA PHE A 376 -1.77 -9.60 -18.99
C PHE A 376 -2.11 -8.11 -19.03
N LEU A 377 -1.16 -7.27 -18.62
CA LEU A 377 -1.31 -5.82 -18.72
C LEU A 377 -0.67 -5.23 -19.97
N ARG A 378 -0.30 -6.10 -20.92
CA ARG A 378 0.25 -5.62 -22.18
C ARG A 378 -0.86 -5.12 -23.10
N VAL A 379 -1.31 -3.89 -22.85
CA VAL A 379 -2.37 -3.25 -23.61
C VAL A 379 -1.95 -3.09 -25.07
N GLN A 380 -2.86 -3.46 -25.98
CA GLN A 380 -2.62 -3.29 -27.42
C GLN A 380 -2.96 -1.86 -27.83
N PRO A 381 -2.23 -1.31 -28.81
CA PRO A 381 -2.55 0.03 -29.30
C PRO A 381 -3.95 0.09 -29.88
N LYS A 382 -4.65 1.20 -29.63
CA LYS A 382 -5.95 1.44 -30.26
C LYS A 382 -5.75 2.05 -31.65
N TRP A 383 -4.83 3.01 -31.76
CA TRP A 383 -4.55 3.66 -33.04
C TRP A 383 -3.14 3.44 -33.48
N ALA A 384 -2.92 3.36 -34.78
CA ALA A 384 -1.58 3.30 -35.33
C ALA A 384 -1.54 4.02 -36.66
N ALA A 385 -0.48 4.76 -36.89
CA ALA A 385 -0.35 5.60 -38.07
C ALA A 385 1.10 5.71 -38.52
N GLU A 386 1.29 6.12 -39.76
CA GLU A 386 2.62 6.32 -40.32
C GLU A 386 3.28 7.57 -39.79
N THR A 387 2.47 8.57 -39.40
CA THR A 387 2.99 9.84 -38.91
C THR A 387 2.28 10.29 -37.63
N VAL A 388 2.95 11.15 -36.86
CA VAL A 388 2.35 11.76 -35.68
C VAL A 388 1.17 12.64 -36.06
N GLU A 389 1.30 13.37 -37.17
CA GLU A 389 0.20 14.20 -37.66
C GLU A 389 -1.08 13.37 -37.85
N GLU A 390 -0.95 12.20 -38.48
CA GLU A 390 -2.13 11.34 -38.65
C GLU A 390 -2.62 10.76 -37.33
N LEU A 391 -1.70 10.33 -36.46
CA LEU A 391 -2.08 9.76 -35.18
C LEU A 391 -2.89 10.79 -34.39
N GLU A 392 -2.42 12.04 -34.43
CA GLU A 392 -3.06 13.15 -33.71
C GLU A 392 -4.52 13.32 -34.14
N SER A 393 -4.75 13.35 -35.45
N SER A 393 -4.76 13.37 -35.45
CA SER A 393 -6.09 13.46 -35.99
CA SER A 393 -6.14 13.49 -35.94
C SER A 393 -6.94 12.24 -35.60
C SER A 393 -6.97 12.23 -35.63
N ASP A 394 -6.35 11.05 -35.74
CA ASP A 394 -7.01 9.78 -35.38
C ASP A 394 -7.53 9.80 -33.95
N MET A 395 -6.74 10.39 -33.04
CA MET A 395 -7.06 10.44 -31.63
C MET A 395 -8.05 11.55 -31.29
N GLY A 396 -8.37 12.40 -32.27
CA GLY A 396 -9.28 13.52 -32.08
C GLY A 396 -8.66 14.70 -31.35
N LEU A 397 -7.34 14.77 -31.32
CA LEU A 397 -6.64 15.91 -30.71
C LEU A 397 -6.57 17.08 -31.70
N PRO A 398 -6.59 18.33 -31.18
CA PRO A 398 -6.50 19.50 -32.07
C PRO A 398 -5.18 19.54 -32.84
N ALA A 399 -5.20 20.09 -34.06
CA ALA A 399 -4.00 20.15 -34.90
C ALA A 399 -2.86 20.79 -34.13
N GLY A 400 -1.73 20.08 -34.05
CA GLY A 400 -0.52 20.57 -33.43
C GLY A 400 -0.33 20.17 -31.96
N ALA A 401 -1.39 19.80 -31.26
CA ALA A 401 -1.28 19.49 -29.82
C ALA A 401 -0.33 18.34 -29.52
N LEU A 402 -0.46 17.25 -30.28
CA LEU A 402 0.44 16.12 -30.11
C LEU A 402 1.72 16.29 -30.94
N GLN A 403 1.59 16.83 -32.14
CA GLN A 403 2.75 17.03 -33.00
C GLN A 403 3.82 17.85 -32.28
N SER A 404 3.39 18.93 -31.63
CA SER A 404 4.34 19.81 -30.95
C SER A 404 4.99 19.12 -29.76
N THR A 405 4.19 18.38 -28.98
CA THR A 405 4.74 17.60 -27.86
C THR A 405 5.86 16.68 -28.33
N VAL A 406 5.61 15.97 -29.43
CA VAL A 406 6.58 15.01 -29.93
C VAL A 406 7.79 15.73 -30.54
N GLU A 407 7.56 16.85 -31.23
CA GLU A 407 8.68 17.60 -31.82
C GLU A 407 9.66 18.06 -30.75
N VAL A 408 9.13 18.64 -29.67
CA VAL A 408 9.97 19.18 -28.59
C VAL A 408 10.66 18.02 -27.86
N TYR A 409 9.90 16.96 -27.59
CA TYR A 409 10.46 15.79 -26.92
C TYR A 409 11.62 15.24 -27.74
N ASN A 410 11.38 15.09 -29.04
CA ASN A 410 12.39 14.51 -29.92
C ASN A 410 13.63 15.37 -30.07
N LYS A 411 13.45 16.68 -30.09
CA LYS A 411 14.62 17.58 -30.23
C LYS A 411 15.59 17.34 -29.08
N HIS A 412 15.06 17.26 -27.87
CA HIS A 412 15.90 17.03 -26.70
C HIS A 412 16.30 15.58 -26.57
N ALA A 413 15.41 14.67 -26.97
CA ALA A 413 15.70 13.23 -26.83
C ALA A 413 16.85 12.77 -27.73
N ALA A 414 17.08 13.48 -28.83
CA ALA A 414 18.21 13.19 -29.73
C ALA A 414 19.54 13.45 -29.02
N GLU A 415 19.47 14.20 -27.91
CA GLU A 415 20.61 14.48 -27.05
C GLU A 415 20.53 13.69 -25.74
N GLY A 416 19.65 12.69 -25.69
CA GLY A 416 19.45 11.86 -24.48
C GLY A 416 18.93 12.62 -23.29
N SER A 417 18.27 13.75 -23.55
CA SER A 417 17.83 14.65 -22.50
C SER A 417 16.31 14.78 -22.48
N ASP A 418 15.73 14.69 -21.27
CA ASP A 418 14.33 15.05 -21.02
C ASP A 418 14.31 16.18 -20.00
N PRO A 419 14.48 17.43 -20.47
CA PRO A 419 14.54 18.56 -19.52
C PRO A 419 13.19 18.98 -18.97
N LEU A 420 12.11 18.46 -19.56
CA LEU A 420 10.77 18.79 -19.09
C LEU A 420 10.35 17.98 -17.87
N LEU A 421 10.61 16.67 -17.92
CA LEU A 421 10.16 15.77 -16.85
C LEU A 421 11.26 14.92 -16.23
N HIS A 422 12.46 14.98 -16.80
CA HIS A 422 13.63 14.30 -16.23
C HIS A 422 13.54 12.80 -16.15
N LYS A 423 12.85 12.18 -17.11
CA LYS A 423 13.02 10.74 -17.31
C LYS A 423 14.53 10.46 -17.48
N LYS A 424 15.01 9.38 -16.84
CA LYS A 424 16.43 9.02 -16.97
C LYS A 424 16.86 8.82 -18.42
N SER A 425 18.08 9.26 -18.70
CA SER A 425 18.61 9.26 -20.07
C SER A 425 18.59 7.90 -20.75
N GLU A 426 18.77 6.82 -19.99
CA GLU A 426 18.71 5.46 -20.52
CA GLU A 426 18.72 5.47 -20.56
C GLU A 426 17.39 5.13 -21.23
N TRP A 427 16.31 5.82 -20.84
CA TRP A 427 15.00 5.61 -21.46
C TRP A 427 14.63 6.69 -22.45
N VAL A 428 15.54 7.62 -22.70
CA VAL A 428 15.22 8.77 -23.55
C VAL A 428 15.81 8.59 -24.95
N LYS A 429 14.94 8.56 -25.96
CA LYS A 429 15.39 8.59 -27.35
C LYS A 429 14.21 9.06 -28.19
N PRO A 430 14.46 9.58 -29.39
CA PRO A 430 13.34 10.09 -30.17
C PRO A 430 12.28 9.03 -30.47
N ILE A 431 11.02 9.48 -30.48
CA ILE A 431 9.94 8.64 -30.94
CA ILE A 431 9.93 8.65 -30.93
C ILE A 431 9.97 8.58 -32.46
N GLY A 432 10.06 7.38 -33.00
CA GLY A 432 10.11 7.16 -34.44
C GLY A 432 8.75 6.90 -35.08
N THR A 433 8.80 6.28 -36.25
CA THR A 433 7.59 5.92 -37.00
C THR A 433 7.74 4.50 -37.56
N PRO A 434 6.63 3.78 -37.82
CA PRO A 434 5.25 4.15 -37.54
C PRO A 434 5.05 4.31 -36.04
N VAL A 435 3.98 5.00 -35.68
CA VAL A 435 3.75 5.38 -34.29
C VAL A 435 2.36 4.90 -33.90
N ALA A 436 2.21 4.50 -32.65
CA ALA A 436 0.95 3.98 -32.13
C ALA A 436 0.53 4.74 -30.87
N ALA A 437 -0.75 4.68 -30.54
CA ALA A 437 -1.23 5.22 -29.27
C ALA A 437 -2.10 4.20 -28.56
N LEU A 438 -1.81 3.98 -27.29
CA LEU A 438 -2.65 3.18 -26.42
C LEU A 438 -3.64 4.10 -25.73
N ASP A 439 -4.91 3.71 -25.73
CA ASP A 439 -5.95 4.45 -25.01
C ASP A 439 -5.96 4.02 -23.54
N LEU A 440 -5.44 4.89 -22.68
CA LEU A 440 -5.31 4.59 -21.26
C LEU A 440 -6.19 5.52 -20.44
N ARG A 441 -7.30 5.97 -21.04
CA ARG A 441 -8.33 6.70 -20.31
C ARG A 441 -9.10 5.74 -19.40
N GLY A 442 -9.30 6.13 -18.15
CA GLY A 442 -10.02 5.27 -17.20
C GLY A 442 -9.31 3.98 -16.84
N PHE A 443 -7.99 4.07 -16.68
CA PHE A 443 -7.17 2.90 -16.38
C PHE A 443 -6.69 2.86 -14.93
N THR A 444 -7.33 3.63 -14.06
CA THR A 444 -6.91 3.65 -12.67
C THR A 444 -7.93 3.00 -11.74
N LEU A 445 -7.45 2.51 -10.61
CA LEU A 445 -8.32 2.01 -9.55
C LEU A 445 -7.49 2.05 -8.28
N GLY A 446 -8.14 2.08 -7.12
CA GLY A 446 -7.32 2.22 -5.92
C GLY A 446 -7.95 1.82 -4.62
N PHE A 447 -7.21 2.04 -3.55
CA PHE A 447 -7.67 1.71 -2.20
C PHE A 447 -7.28 2.82 -1.23
N THR A 448 -7.91 2.83 -0.04
CA THR A 448 -7.81 3.93 0.89
C THR A 448 -6.63 3.78 1.84
N LEU A 449 -6.06 4.91 2.26
CA LEU A 449 -4.86 4.94 3.11
C LEU A 449 -5.12 5.70 4.41
N GLY A 450 -6.26 6.38 4.48
CA GLY A 450 -6.60 7.17 5.66
C GLY A 450 -7.26 6.36 6.73
N GLY A 451 -7.22 6.85 7.97
CA GLY A 451 -7.92 6.13 9.04
C GLY A 451 -7.65 6.75 10.39
N LEU A 452 -7.78 5.92 11.41
CA LEU A 452 -7.57 6.37 12.78
C LEU A 452 -6.18 6.96 12.99
N ARG A 453 -6.12 8.00 13.82
CA ARG A 453 -4.87 8.62 14.21
C ARG A 453 -4.30 7.81 15.39
N THR A 454 -3.04 7.38 15.25
CA THR A 454 -2.38 6.59 16.29
C THR A 454 -0.99 7.14 16.60
N THR A 455 -0.53 6.84 17.82
CA THR A 455 0.82 7.18 18.25
C THR A 455 1.82 6.18 17.65
N VAL A 456 3.12 6.43 17.86
CA VAL A 456 4.13 5.45 17.42
C VAL A 456 4.06 4.14 18.20
N ASN A 457 3.33 4.17 19.31
CA ASN A 457 3.07 2.96 20.09
C ASN A 457 1.69 2.35 19.78
N SER A 458 1.09 2.85 18.70
CA SER A 458 -0.17 2.33 18.15
C SER A 458 -1.36 2.48 19.09
N GLU A 459 -1.28 3.49 19.95
CA GLU A 459 -2.43 3.87 20.79
C GLU A 459 -3.36 4.71 19.93
N VAL A 460 -4.66 4.43 19.98
CA VAL A 460 -5.63 5.23 19.23
C VAL A 460 -5.83 6.55 19.94
N LEU A 461 -5.65 7.66 19.22
CA LEU A 461 -5.78 8.98 19.82
C LEU A 461 -7.19 9.55 19.75
N HIS A 462 -7.64 10.04 20.89
CA HIS A 462 -8.85 10.85 21.00
C HIS A 462 -8.60 12.20 20.38
N VAL A 463 -9.67 12.90 20.00
CA VAL A 463 -9.55 14.28 19.52
C VAL A 463 -8.92 15.24 20.55
N SER A 464 -8.92 14.83 21.81
CA SER A 464 -8.22 15.58 22.87
C SER A 464 -6.70 15.52 22.71
N GLY A 465 -6.21 14.57 21.92
CA GLY A 465 -4.76 14.34 21.77
C GLY A 465 -4.23 13.31 22.75
N GLU A 466 -5.10 12.75 23.58
CA GLU A 466 -4.73 11.71 24.55
C GLU A 466 -5.15 10.33 24.04
N PRO A 467 -4.37 9.29 24.37
CA PRO A 467 -4.80 7.94 24.03
C PRO A 467 -6.14 7.56 24.66
N ILE A 468 -6.92 6.75 23.95
CA ILE A 468 -8.12 6.18 24.51
C ILE A 468 -7.68 4.94 25.27
N PRO A 469 -7.86 4.91 26.60
CA PRO A 469 -7.38 3.76 27.36
C PRO A 469 -7.92 2.42 26.86
N GLY A 470 -7.04 1.43 26.75
CA GLY A 470 -7.41 0.09 26.33
C GLY A 470 -7.52 -0.12 24.83
N LEU A 471 -7.32 0.93 24.04
CA LEU A 471 -7.57 0.87 22.59
C LEU A 471 -6.33 1.13 21.74
N PHE A 472 -6.05 0.17 20.88
CA PHE A 472 -4.85 0.19 20.04
C PHE A 472 -5.27 -0.16 18.63
N ALA A 473 -4.43 0.17 17.65
CA ALA A 473 -4.80 -0.10 16.26
C ALA A 473 -3.60 -0.07 15.33
N ALA A 474 -3.67 -0.85 14.26
CA ALA A 474 -2.61 -0.85 13.24
C ALA A 474 -3.15 -1.37 11.93
N GLY A 475 -2.38 -1.15 10.87
CA GLY A 475 -2.80 -1.58 9.53
C GLY A 475 -3.74 -0.56 8.92
N ARG A 476 -4.52 -0.97 7.92
CA ARG A 476 -5.26 0.01 7.13
C ARG A 476 -6.53 0.56 7.77
N CYS A 477 -6.81 0.20 9.03
CA CYS A 477 -7.80 0.97 9.78
C CYS A 477 -7.17 2.24 10.37
N THR A 478 -5.86 2.41 10.18
CA THR A 478 -5.15 3.59 10.69
C THR A 478 -4.53 4.40 9.58
N SER A 479 -4.29 5.68 9.86
CA SER A 479 -3.41 6.49 9.01
C SER A 479 -1.97 6.09 9.38
N GLY A 480 -1.25 5.52 8.41
CA GLY A 480 0.11 4.99 8.68
C GLY A 480 1.18 5.92 8.14
N VAL A 481 2.19 5.35 7.48
CA VAL A 481 3.25 6.20 6.94
C VAL A 481 2.76 7.07 5.78
N CYS A 482 1.87 6.56 4.94
CA CYS A 482 1.39 7.34 3.78
C CYS A 482 0.31 8.33 4.14
N ALA A 483 0.54 9.60 3.77
CA ALA A 483 -0.46 10.67 3.97
C ALA A 483 -1.11 11.11 2.66
N GLY A 484 -0.52 10.71 1.53
CA GLY A 484 -0.99 11.18 0.21
C GLY A 484 -0.36 10.34 -0.89
N GLY A 485 0.92 10.57 -1.13
CA GLY A 485 1.69 9.68 -2.01
C GLY A 485 1.76 8.26 -1.46
N TYR A 486 2.02 7.30 -2.34
CA TYR A 486 2.09 5.89 -1.97
C TYR A 486 3.33 5.24 -2.56
N ALA A 487 3.87 4.25 -1.86
CA ALA A 487 4.95 3.42 -2.41
C ALA A 487 4.59 1.97 -2.09
N SER A 488 4.82 1.07 -3.06
CA SER A 488 4.52 -0.35 -2.84
C SER A 488 5.30 -0.90 -1.66
N GLY A 489 4.59 -1.60 -0.78
CA GLY A 489 5.21 -2.16 0.43
C GLY A 489 4.93 -1.38 1.69
N THR A 490 4.42 -0.17 1.56
CA THR A 490 4.23 0.66 2.76
C THR A 490 3.09 0.17 3.62
N SER A 491 2.13 -0.51 3.01
CA SER A 491 1.00 -1.00 3.78
C SER A 491 1.35 -2.26 4.57
N LEU A 492 1.97 -3.24 3.93
CA LEU A 492 2.46 -4.41 4.68
C LEU A 492 3.58 -4.01 5.64
N GLY A 493 4.40 -3.05 5.23
CA GLY A 493 5.46 -2.51 6.08
C GLY A 493 4.93 -1.85 7.34
N ASP A 494 4.08 -0.83 7.19
CA ASP A 494 3.60 -0.16 8.39
C ASP A 494 2.61 -1.02 9.20
N GLY A 495 1.88 -1.89 8.51
CA GLY A 495 0.95 -2.80 9.18
C GLY A 495 1.68 -3.76 10.09
N SER A 496 2.77 -4.35 9.58
CA SER A 496 3.56 -5.27 10.42
C SER A 496 4.35 -4.52 11.50
N PHE A 497 4.93 -3.37 11.13
CA PHE A 497 5.76 -2.59 12.08
C PHE A 497 4.89 -2.08 13.24
N TYR A 498 3.77 -1.43 12.90
CA TYR A 498 2.89 -0.86 13.93
C TYR A 498 1.95 -1.88 14.56
N GLY A 499 1.74 -3.01 13.88
CA GLY A 499 1.10 -4.19 14.49
C GLY A 499 1.92 -4.65 15.68
N ARG A 500 3.22 -4.82 15.47
CA ARG A 500 4.13 -5.14 16.60
C ARG A 500 3.95 -4.17 17.77
N ARG A 501 3.98 -2.88 17.47
CA ARG A 501 3.87 -1.85 18.50
C ARG A 501 2.53 -1.96 19.23
N ALA A 502 1.46 -2.26 18.50
CA ALA A 502 0.13 -2.40 19.13
C ALA A 502 0.13 -3.57 20.10
N GLY A 503 0.75 -4.68 19.70
CA GLY A 503 0.79 -5.87 20.57
C GLY A 503 1.60 -5.62 21.84
N ILE A 504 2.74 -4.94 21.69
CA ILE A 504 3.56 -4.56 22.84
C ILE A 504 2.76 -3.68 23.82
N SER A 505 2.10 -2.64 23.28
CA SER A 505 1.37 -1.68 24.10
C SER A 505 0.16 -2.31 24.76
N ALA A 506 -0.55 -3.14 23.99
CA ALA A 506 -1.75 -3.80 24.50
C ALA A 506 -1.46 -4.78 25.64
N ALA A 507 -0.31 -5.44 25.57
CA ALA A 507 0.07 -6.45 26.57
C ALA A 507 0.53 -5.87 27.91
N LYS A 508 0.85 -4.58 27.94
CA LYS A 508 1.29 -3.92 29.18
C LYS A 508 0.21 -3.95 30.26
N GLN A 509 0.62 -4.14 31.51
CA GLN A 509 -0.30 -4.15 32.65
C GLN A 509 -0.35 -2.79 33.33
C1 ASD B . -0.89 -2.48 -5.08
C10 ASD B . 0.03 -2.81 -6.27
C11 ASD B . -1.97 -2.91 -7.90
C12 ASD B . -2.75 -3.65 -9.01
C13 ASD B . -1.79 -4.22 -10.04
C14 ASD B . -0.78 -5.11 -9.34
C15 ASD B . -0.15 -5.98 -10.44
C16 ASD B . -1.34 -6.33 -11.35
C17 ASD B . -2.34 -5.23 -11.01
C18 ASD B . -1.20 -3.11 -10.94
C19 ASD B . 0.56 -1.52 -6.89
C2 ASD B . -0.19 -1.77 -3.90
C3 ASD B . 1.15 -2.40 -3.58
C4 ASD B . 1.71 -3.42 -4.50
C5 ASD B . 1.24 -3.58 -5.76
C6 ASD B . 2.01 -4.52 -6.68
C7 ASD B . 1.09 -5.30 -7.62
C8 ASD B . 0.13 -4.35 -8.35
C9 ASD B . -0.76 -3.66 -7.30
O1 ASD B . 1.75 -2.11 -2.55
O2 ASD B . -3.47 -5.16 -11.48
CL CL C . -6.31 -4.06 -0.31
PA FAD D . -5.97 -7.35 6.13
O1A FAD D . -4.71 -8.03 5.82
O2A FAD D . -7.04 -7.31 5.11
O5B FAD D . -6.57 -8.01 7.46
C5B FAD D . -7.77 -7.51 8.05
C4B FAD D . -8.58 -8.72 8.60
O4B FAD D . -9.68 -8.13 9.32
C3B FAD D . -9.17 -9.52 7.44
O3B FAD D . -8.84 -10.92 7.60
C2B FAD D . -10.68 -9.26 7.55
O2B FAD D . -11.43 -10.43 7.14
C1B FAD D . -10.85 -8.97 9.04
N9A FAD D . -12.04 -8.19 9.37
C8A FAD D . -12.64 -7.22 8.66
N7A FAD D . -13.69 -6.78 9.36
C5A FAD D . -13.74 -7.45 10.52
C6A FAD D . -14.57 -7.42 11.59
N6A FAD D . -15.58 -6.55 11.60
N1A FAD D . -14.40 -8.24 12.65
C2A FAD D . -13.34 -9.13 12.66
N3A FAD D . -12.49 -9.16 11.56
C4A FAD D . -12.72 -8.32 10.52
N1 FAD D . 0.46 -3.52 0.12
C2 FAD D . 1.82 -3.62 0.32
O2 FAD D . 2.34 -2.97 1.21
N3 FAD D . 2.60 -4.47 -0.48
C4 FAD D . 2.00 -5.20 -1.52
O4 FAD D . 2.72 -5.92 -2.21
C4X FAD D . 0.62 -5.08 -1.73
N5 FAD D . 0.02 -5.75 -2.75
C5X FAD D . -1.25 -5.44 -3.08
C6 FAD D . -1.81 -5.92 -4.27
C7 FAD D . -3.13 -5.63 -4.60
C7M FAD D . -3.64 -6.14 -5.82
C8 FAD D . -3.92 -4.83 -3.75
C8M FAD D . -5.26 -4.50 -4.03
C9 FAD D . -3.36 -4.36 -2.56
C9A FAD D . -2.02 -4.64 -2.23
N10 FAD D . -1.48 -4.16 -1.09
C10 FAD D . -0.15 -4.25 -0.92
C1' FAD D . -2.28 -3.61 0.03
C2' FAD D . -2.30 -4.60 1.20
O2' FAD D . -2.73 -5.85 0.66
C3' FAD D . -3.29 -4.16 2.29
O3' FAD D . -3.33 -2.72 2.43
C4' FAD D . -2.90 -4.80 3.63
O4' FAD D . -2.87 -6.21 3.46
C5' FAD D . -3.91 -4.44 4.72
O5' FAD D . -3.46 -4.98 5.97
P FAD D . -4.46 -5.06 7.23
O1P FAD D . -4.94 -3.73 7.58
O2P FAD D . -3.80 -5.92 8.27
O3P FAD D . -5.76 -5.79 6.56
#